data_5WVF
#
_entry.id   5WVF
#
_cell.length_a   71.475
_cell.length_b   71.475
_cell.length_c   175.985
_cell.angle_alpha   90.00
_cell.angle_beta   90.00
_cell.angle_gamma   90.00
#
_symmetry.space_group_name_H-M   'P 41 21 2'
#
loop_
_entity.id
_entity.type
_entity.pdbx_description
1 polymer Chitinase
2 non-polymer 2-acetamido-2-deoxy-beta-D-glucopyranose
3 water water
#
_entity_poly.entity_id   1
_entity_poly.type   'polypeptide(L)'
_entity_poly.pdbx_seq_one_letter_code
;EPQVLCYLTSWSSKRPSAGRFMPENVDPTLCTHVIYAFATLKDHKLTEADEKDADMYDKVVALREKNPNLKILLAIGGWA
FGSTPFKELTSNVFRMNQFVYEAIEFLRDYQFNGLDVDWLYPRGADDRAAFVSLLKELRLAFEGEAKTSGQPRLLLTAAV
PASFEAIAAGYDVPEISKYLDFINVMTYDFHGQWERQVGHNSPLFPLESATSYQKKLTVDYSAREWVRQGAPKEKLMIGM
PTYGRSFTLINDTQFDIGAPASGGGQAGRFTNEAGFMSYYEICEFLREDNTTLVWDNEQMVPFAYREDQWVGFDDERSLK
TKMAWLKEEGFGGIMVWSVDMDDFRGSCGTGKYPLITAMKQELSGYKVKLEYDGPYESSSPTGQYTTKDPHEVTCEEEDG
HISYHKDHADCTMYYMCEGERKHHMPCPSNLVFNPNENVCDWPENVEGCQQHTQAPAAKR
;
_entity_poly.pdbx_strand_id   A
#
loop_
_chem_comp.id
_chem_comp.type
_chem_comp.name
_chem_comp.formula
NAG D-saccharide, beta linking 2-acetamido-2-deoxy-beta-D-glucopyranose 'C8 H15 N O6'
#
# COMPACT_ATOMS: atom_id res chain seq x y z
N GLU A 1 1.32 -18.16 9.55
CA GLU A 1 0.23 -17.49 8.86
C GLU A 1 0.43 -16.00 8.52
N PRO A 2 1.68 -15.50 8.44
CA PRO A 2 1.68 -14.08 8.06
C PRO A 2 1.50 -13.89 6.55
N GLN A 3 0.78 -12.84 6.17
CA GLN A 3 0.48 -12.60 4.77
C GLN A 3 1.32 -11.46 4.22
N VAL A 4 1.61 -11.54 2.92
CA VAL A 4 2.33 -10.50 2.20
C VAL A 4 1.51 -10.11 0.98
N LEU A 5 0.84 -8.96 1.05
CA LEU A 5 0.04 -8.50 -0.07
C LEU A 5 0.79 -7.43 -0.85
N CYS A 6 1.10 -7.73 -2.11
CA CYS A 6 1.85 -6.80 -2.94
C CYS A 6 0.98 -6.14 -4.01
N TYR A 7 0.99 -4.82 -4.05
CA TYR A 7 0.28 -4.11 -5.11
C TYR A 7 1.12 -4.13 -6.39
N LEU A 8 0.44 -4.29 -7.52
CA LEU A 8 1.06 -4.12 -8.82
C LEU A 8 0.34 -2.99 -9.51
N THR A 9 1.08 -1.93 -9.86
CA THR A 9 0.48 -0.78 -10.51
C THR A 9 0.48 -0.96 -12.01
N SER A 10 -0.70 -0.75 -12.62
CA SER A 10 -0.86 -0.96 -14.06
C SER A 10 0.06 -0.04 -14.85
N TRP A 11 0.18 1.21 -14.40
CA TRP A 11 0.93 2.22 -15.16
C TRP A 11 2.43 2.00 -15.12
N SER A 12 2.88 0.98 -14.38
CA SER A 12 4.30 0.68 -14.30
C SER A 12 4.79 0.09 -15.62
N SER A 13 3.85 -0.43 -16.40
CA SER A 13 4.16 -0.99 -17.71
C SER A 13 4.49 0.13 -18.70
N LYS A 14 4.15 1.36 -18.37
CA LYS A 14 4.40 2.49 -19.21
C LYS A 14 5.70 3.11 -18.91
N ARG A 15 6.43 2.52 -17.99
CA ARG A 15 7.72 2.96 -17.70
C ARG A 15 8.76 2.75 -18.91
N PRO A 16 9.71 3.66 -18.97
CA PRO A 16 10.67 3.63 -20.03
C PRO A 16 11.88 2.87 -19.62
N SER A 17 12.46 2.12 -20.55
CA SER A 17 13.70 1.41 -20.32
C SER A 17 13.56 0.50 -19.09
N ALA A 18 14.61 0.33 -18.28
CA ALA A 18 14.63 -0.67 -17.26
C ALA A 18 13.42 -0.59 -16.37
N GLY A 19 12.96 0.61 -16.14
CA GLY A 19 11.83 0.87 -15.25
C GLY A 19 10.54 0.17 -15.64
N ARG A 20 10.41 -0.14 -16.92
CA ARG A 20 9.25 -0.87 -17.44
C ARG A 20 9.02 -2.19 -16.69
N PHE A 21 7.80 -2.37 -16.18
CA PHE A 21 7.45 -3.54 -15.40
C PHE A 21 6.21 -4.21 -15.97
N MET A 22 6.34 -5.51 -16.23
CA MET A 22 5.21 -6.31 -16.70
C MET A 22 4.85 -7.33 -15.62
N PRO A 23 3.61 -7.84 -15.62
CA PRO A 23 3.21 -8.89 -14.68
C PRO A 23 4.17 -10.07 -14.66
N GLU A 24 4.77 -10.39 -15.80
CA GLU A 24 5.73 -11.49 -15.90
C GLU A 24 6.98 -11.24 -15.07
N ASN A 25 7.25 -9.98 -14.74
CA ASN A 25 8.42 -9.62 -13.93
C ASN A 25 8.23 -9.99 -12.46
N VAL A 26 6.98 -10.25 -12.08
CA VAL A 26 6.69 -10.64 -10.71
C VAL A 26 7.21 -12.03 -10.38
N ASP A 27 7.99 -12.10 -9.30
CA ASP A 27 8.37 -13.36 -8.70
C ASP A 27 7.14 -13.96 -8.02
N PRO A 28 6.64 -15.11 -8.54
CA PRO A 28 5.40 -15.70 -8.04
C PRO A 28 5.48 -16.23 -6.62
N THR A 29 6.67 -16.22 -6.02
CA THR A 29 6.86 -16.77 -4.68
C THR A 29 7.10 -15.71 -3.62
N LEU A 30 7.30 -14.46 -4.05
CA LEU A 30 7.55 -13.35 -3.13
C LEU A 30 6.39 -13.06 -2.19
N CYS A 31 5.21 -12.88 -2.78
CA CYS A 31 4.04 -12.45 -2.02
C CYS A 31 3.01 -13.57 -1.91
N THR A 32 2.16 -13.49 -0.90
CA THR A 32 1.01 -14.36 -0.78
C THR A 32 -0.11 -13.89 -1.70
N HIS A 33 -0.27 -12.57 -1.80
CA HIS A 33 -1.28 -11.99 -2.68
C HIS A 33 -0.66 -10.95 -3.61
N VAL A 34 -1.23 -10.85 -4.80
CA VAL A 34 -0.89 -9.79 -5.73
C VAL A 34 -2.15 -9.00 -6.03
N ILE A 35 -2.10 -7.68 -5.84
CA ILE A 35 -3.24 -6.83 -6.10
C ILE A 35 -2.99 -5.88 -7.27
N TYR A 36 -3.76 -6.06 -8.34
CA TYR A 36 -3.59 -5.23 -9.53
C TYR A 36 -4.36 -3.93 -9.44
N ALA A 37 -3.66 -2.81 -9.64
CA ALA A 37 -4.27 -1.49 -9.51
C ALA A 37 -4.07 -0.65 -10.78
N PHE A 38 -5.12 0.00 -11.26
CA PHE A 38 -6.48 -0.08 -10.72
C PHE A 38 -7.49 -0.41 -11.81
N ALA A 39 -8.62 -0.98 -11.42
CA ALA A 39 -9.78 -1.03 -12.30
C ALA A 39 -10.66 0.18 -12.00
N THR A 40 -11.68 0.40 -12.81
CA THR A 40 -12.51 1.60 -12.62
C THR A 40 -14.00 1.32 -12.65
N LEU A 41 -14.78 2.38 -12.49
CA LEU A 41 -16.22 2.34 -12.61
C LEU A 41 -16.72 3.11 -13.84
N LYS A 42 -17.27 2.38 -14.81
CA LYS A 42 -17.96 2.99 -15.93
C LYS A 42 -19.42 2.55 -15.83
N ASP A 43 -20.31 3.52 -15.74
CA ASP A 43 -21.73 3.29 -15.50
C ASP A 43 -21.94 2.42 -14.27
N HIS A 44 -21.20 2.73 -13.22
CA HIS A 44 -21.36 2.13 -11.90
C HIS A 44 -21.18 0.62 -11.93
N LYS A 45 -20.27 0.17 -12.77
CA LYS A 45 -20.01 -1.25 -12.88
C LYS A 45 -18.51 -1.49 -12.89
N LEU A 46 -18.07 -2.55 -12.21
CA LEU A 46 -16.66 -2.92 -12.21
C LEU A 46 -16.19 -3.16 -13.63
N THR A 47 -15.29 -2.31 -14.11
CA THR A 47 -14.90 -2.41 -15.49
C THR A 47 -13.46 -2.01 -15.72
N GLU A 48 -12.86 -2.67 -16.70
CA GLU A 48 -11.58 -2.31 -17.26
C GLU A 48 -11.44 -0.79 -17.40
N ALA A 49 -10.26 -0.25 -17.08
CA ALA A 49 -10.01 1.19 -17.19
C ALA A 49 -9.43 1.55 -18.56
N ASP A 50 -9.02 0.52 -19.30
CA ASP A 50 -8.38 0.66 -20.60
C ASP A 50 -8.31 -0.71 -21.28
N GLU A 51 -8.62 -0.79 -22.58
CA GLU A 51 -8.60 -2.06 -23.31
C GLU A 51 -7.25 -2.80 -23.20
N LYS A 52 -6.17 -2.05 -23.05
CA LYS A 52 -4.86 -2.66 -22.82
C LYS A 52 -4.87 -3.47 -21.51
N ASP A 53 -5.78 -3.14 -20.59
CA ASP A 53 -5.82 -3.78 -19.28
C ASP A 53 -6.35 -5.21 -19.32
N ALA A 54 -7.26 -5.50 -20.24
CA ALA A 54 -7.92 -6.80 -20.29
C ALA A 54 -6.90 -7.93 -20.38
N ASP A 55 -5.90 -7.77 -21.23
CA ASP A 55 -4.86 -8.77 -21.38
C ASP A 55 -3.88 -8.72 -20.20
N MET A 56 -3.69 -7.52 -19.65
CA MET A 56 -2.90 -7.36 -18.43
C MET A 56 -3.50 -8.16 -17.29
N TYR A 57 -4.82 -8.13 -17.19
CA TYR A 57 -5.54 -8.95 -16.20
C TYR A 57 -5.20 -10.42 -16.44
N ASP A 58 -5.25 -10.84 -17.69
CA ASP A 58 -4.98 -12.23 -18.05
C ASP A 58 -3.55 -12.62 -17.70
N LYS A 59 -2.65 -11.65 -17.64
CA LYS A 59 -1.25 -11.92 -17.34
C LYS A 59 -0.92 -11.88 -15.85
N VAL A 60 -1.63 -11.06 -15.07
CA VAL A 60 -1.37 -11.05 -13.63
C VAL A 60 -2.00 -12.30 -13.02
N VAL A 61 -3.20 -12.65 -13.47
CA VAL A 61 -3.70 -14.00 -13.26
C VAL A 61 -2.78 -14.86 -14.13
N ALA A 62 -2.64 -16.14 -13.79
CA ALA A 62 -1.72 -17.06 -14.48
C ALA A 62 -0.28 -16.84 -14.03
N LEU A 63 -0.09 -15.93 -13.09
CA LEU A 63 1.06 -16.02 -12.22
C LEU A 63 0.79 -17.21 -11.31
N ARG A 64 -0.50 -17.58 -11.25
CA ARG A 64 -0.98 -18.74 -10.50
C ARG A 64 -0.51 -20.05 -11.10
N GLU A 65 -0.11 -20.03 -12.36
CA GLU A 65 0.33 -21.24 -13.03
C GLU A 65 1.77 -21.60 -12.65
N LYS A 66 2.48 -20.67 -12.04
CA LYS A 66 3.82 -20.94 -11.52
C LYS A 66 3.79 -20.95 -10.00
N ASN A 67 2.62 -20.65 -9.44
CA ASN A 67 2.36 -20.75 -8.01
C ASN A 67 0.85 -20.78 -7.78
N PRO A 68 0.30 -21.98 -7.58
CA PRO A 68 -1.16 -22.16 -7.49
C PRO A 68 -1.74 -21.70 -6.16
N ASN A 69 -0.88 -21.47 -5.17
CA ASN A 69 -1.33 -20.94 -3.88
C ASN A 69 -1.29 -19.43 -3.86
N LEU A 70 -0.79 -18.84 -4.95
CA LEU A 70 -0.78 -17.39 -5.08
C LEU A 70 -2.19 -16.87 -5.33
N LYS A 71 -2.59 -15.86 -4.58
CA LYS A 71 -3.90 -15.25 -4.79
C LYS A 71 -3.76 -13.95 -5.60
N ILE A 72 -4.67 -13.76 -6.55
CA ILE A 72 -4.63 -12.58 -7.40
C ILE A 72 -5.87 -11.72 -7.16
N LEU A 73 -5.67 -10.43 -6.90
CA LEU A 73 -6.80 -9.55 -6.64
C LEU A 73 -6.82 -8.36 -7.59
N LEU A 74 -8.02 -7.84 -7.83
CA LEU A 74 -8.17 -6.62 -8.61
C LEU A 74 -8.64 -5.49 -7.72
N ALA A 75 -7.96 -4.35 -7.81
CA ALA A 75 -8.31 -3.20 -7.00
C ALA A 75 -9.17 -2.22 -7.78
N ILE A 76 -10.17 -1.67 -7.11
CA ILE A 76 -11.01 -0.62 -7.66
C ILE A 76 -10.76 0.70 -6.95
N GLY A 77 -10.65 1.77 -7.72
CA GLY A 77 -10.58 3.10 -7.15
C GLY A 77 -9.23 3.75 -7.31
N GLY A 78 -8.66 4.15 -6.19
CA GLY A 78 -7.46 4.92 -6.12
C GLY A 78 -7.70 6.40 -6.01
N TRP A 79 -6.60 7.14 -5.92
CA TRP A 79 -6.63 8.58 -5.76
C TRP A 79 -7.16 9.38 -6.92
N ALA A 80 -6.76 9.02 -8.12
CA ALA A 80 -7.19 9.76 -9.29
C ALA A 80 -8.65 9.60 -9.40
N PHE A 81 -9.09 8.42 -9.04
CA PHE A 81 -10.50 8.04 -9.15
C PHE A 81 -11.42 9.03 -8.46
N GLY A 82 -11.15 9.28 -7.17
CA GLY A 82 -11.95 10.20 -6.39
C GLY A 82 -13.00 9.53 -5.52
N SER A 83 -13.68 10.34 -4.71
CA SER A 83 -14.68 9.82 -3.77
C SER A 83 -16.09 9.86 -4.38
N THR A 84 -16.25 10.59 -5.48
CA THR A 84 -17.56 10.82 -6.07
C THR A 84 -18.18 9.58 -6.75
N PRO A 85 -17.40 8.82 -7.54
CA PRO A 85 -18.01 7.60 -8.10
C PRO A 85 -18.44 6.57 -7.04
N PHE A 86 -17.81 6.60 -5.87
CA PHE A 86 -18.18 5.68 -4.79
C PHE A 86 -19.45 6.14 -4.09
N LYS A 87 -19.63 7.46 -4.00
CA LYS A 87 -20.85 8.04 -3.46
C LYS A 87 -22.05 7.69 -4.36
N GLU A 88 -21.85 7.78 -5.66
CA GLU A 88 -22.91 7.49 -6.62
C GLU A 88 -23.14 5.99 -6.76
N LEU A 89 -22.12 5.20 -6.44
CA LEU A 89 -22.25 3.75 -6.47
C LEU A 89 -23.15 3.28 -5.34
N THR A 90 -23.09 3.99 -4.22
CA THR A 90 -23.79 3.60 -3.01
C THR A 90 -24.97 4.52 -2.70
N SER A 91 -25.49 5.18 -3.74
CA SER A 91 -26.59 6.12 -3.56
C SER A 91 -27.93 5.39 -3.47
N ASN A 92 -28.16 4.40 -4.33
CA ASN A 92 -29.35 3.55 -4.24
C ASN A 92 -29.02 2.06 -4.28
N VAL A 93 -29.88 1.25 -3.67
CA VAL A 93 -29.57 -0.17 -3.45
C VAL A 93 -29.46 -1.00 -4.73
N PHE A 94 -30.23 -0.63 -5.77
CA PHE A 94 -30.25 -1.42 -7.01
C PHE A 94 -28.92 -1.37 -7.71
N ARG A 95 -28.44 -0.16 -7.97
CA ARG A 95 -27.14 0.09 -8.56
C ARG A 95 -26.04 -0.57 -7.72
N MET A 96 -26.15 -0.39 -6.41
CA MET A 96 -25.22 -1.04 -5.49
C MET A 96 -25.20 -2.55 -5.67
N ASN A 97 -26.36 -3.16 -5.56
CA ASN A 97 -26.47 -4.61 -5.65
C ASN A 97 -26.14 -5.10 -7.04
N GLN A 98 -26.60 -4.38 -8.06
CA GLN A 98 -26.28 -4.73 -9.43
C GLN A 98 -24.78 -4.58 -9.70
N PHE A 99 -24.14 -3.65 -9.00
CA PHE A 99 -22.68 -3.55 -9.05
C PHE A 99 -22.06 -4.81 -8.47
N VAL A 100 -22.52 -5.23 -7.29
CA VAL A 100 -21.99 -6.43 -6.65
C VAL A 100 -22.18 -7.68 -7.52
N TYR A 101 -23.41 -7.89 -7.99
CA TYR A 101 -23.74 -9.12 -8.73
C TYR A 101 -22.91 -9.23 -10.00
N GLU A 102 -22.70 -8.11 -10.67
CA GLU A 102 -21.94 -8.11 -11.92
C GLU A 102 -20.44 -8.05 -11.69
N ALA A 103 -20.02 -7.48 -10.56
CA ALA A 103 -18.61 -7.50 -10.20
C ALA A 103 -18.17 -8.94 -9.97
N ILE A 104 -19.00 -9.73 -9.30
CA ILE A 104 -18.73 -11.15 -9.07
C ILE A 104 -18.52 -11.88 -10.40
N GLU A 105 -19.40 -11.60 -11.37
CA GLU A 105 -19.26 -12.21 -12.69
C GLU A 105 -17.99 -11.74 -13.38
N PHE A 106 -17.71 -10.44 -13.32
CA PHE A 106 -16.49 -9.85 -13.87
C PHE A 106 -15.25 -10.53 -13.30
N LEU A 107 -15.23 -10.69 -11.98
CA LEU A 107 -14.08 -11.28 -11.30
C LEU A 107 -13.94 -12.75 -11.65
N ARG A 108 -15.05 -13.49 -11.58
CA ARG A 108 -15.05 -14.90 -11.93
C ARG A 108 -14.63 -15.12 -13.38
N ASP A 109 -15.11 -14.26 -14.29
CA ASP A 109 -14.72 -14.32 -15.70
C ASP A 109 -13.21 -14.21 -15.89
N TYR A 110 -12.59 -13.27 -15.19
CA TYR A 110 -11.14 -13.10 -15.27
C TYR A 110 -10.44 -14.08 -14.33
N GLN A 111 -11.23 -14.77 -13.53
CA GLN A 111 -10.74 -15.75 -12.55
C GLN A 111 -9.86 -15.08 -11.49
N PHE A 112 -10.29 -13.92 -11.01
CA PHE A 112 -9.63 -13.27 -9.88
C PHE A 112 -10.01 -13.97 -8.58
N ASN A 113 -9.13 -13.89 -7.59
CA ASN A 113 -9.38 -14.52 -6.29
C ASN A 113 -10.14 -13.60 -5.35
N GLY A 114 -10.41 -12.37 -5.79
CA GLY A 114 -11.14 -11.43 -4.97
C GLY A 114 -10.96 -9.98 -5.38
N LEU A 115 -11.45 -9.09 -4.54
CA LEU A 115 -11.55 -7.68 -4.87
C LEU A 115 -10.95 -6.78 -3.78
N ASP A 116 -10.18 -5.79 -4.19
CA ASP A 116 -9.65 -4.80 -3.26
C ASP A 116 -10.34 -3.46 -3.48
N VAL A 117 -10.90 -2.90 -2.42
CA VAL A 117 -11.62 -1.64 -2.55
C VAL A 117 -10.77 -0.48 -2.06
N ASP A 118 -10.49 0.46 -2.95
CA ASP A 118 -9.69 1.62 -2.59
C ASP A 118 -10.49 2.91 -2.77
N TRP A 119 -11.43 3.12 -1.86
CA TRP A 119 -12.14 4.37 -1.79
C TRP A 119 -11.29 5.33 -0.97
N LEU A 120 -10.70 6.31 -1.63
CA LEU A 120 -9.84 7.26 -0.94
C LEU A 120 -10.39 8.68 -1.06
N TYR A 121 -11.09 9.18 -0.02
CA TYR A 121 -11.43 8.42 1.17
C TYR A 121 -12.87 8.75 1.54
N PRO A 122 -13.58 7.82 2.21
CA PRO A 122 -14.87 8.18 2.77
C PRO A 122 -14.72 9.26 3.82
N ARG A 123 -15.69 10.15 3.91
CA ARG A 123 -15.62 11.29 4.82
C ARG A 123 -17.00 11.74 5.29
N GLY A 124 -17.21 11.73 6.60
CA GLY A 124 -18.49 12.14 7.15
C GLY A 124 -19.39 10.96 7.41
N ALA A 125 -20.42 11.18 8.23
CA ALA A 125 -21.31 10.11 8.69
C ALA A 125 -21.95 9.32 7.55
N ASP A 126 -22.38 10.02 6.51
CA ASP A 126 -23.06 9.37 5.40
C ASP A 126 -22.11 8.52 4.56
N ASP A 127 -20.89 9.01 4.38
CA ASP A 127 -19.84 8.23 3.72
C ASP A 127 -19.48 6.98 4.55
N ARG A 128 -19.35 7.16 5.86
CA ARG A 128 -19.08 6.04 6.76
C ARG A 128 -20.09 4.92 6.57
N ALA A 129 -21.38 5.26 6.59
CA ALA A 129 -22.44 4.25 6.48
C ALA A 129 -22.43 3.57 5.11
N ALA A 130 -22.17 4.35 4.07
CA ALA A 130 -22.15 3.83 2.70
C ALA A 130 -20.96 2.91 2.46
N PHE A 131 -19.83 3.21 3.09
CA PHE A 131 -18.66 2.36 2.97
C PHE A 131 -18.94 1.02 3.62
N VAL A 132 -19.60 1.06 4.77
CA VAL A 132 -19.97 -0.16 5.48
C VAL A 132 -20.93 -1.01 4.63
N SER A 133 -21.93 -0.38 4.03
CA SER A 133 -22.92 -1.11 3.23
C SER A 133 -22.31 -1.75 2.00
N LEU A 134 -21.41 -1.02 1.35
CA LEU A 134 -20.69 -1.56 0.19
C LEU A 134 -19.91 -2.81 0.58
N LEU A 135 -19.18 -2.72 1.70
CA LEU A 135 -18.38 -3.83 2.17
C LEU A 135 -19.25 -4.99 2.62
N LYS A 136 -20.30 -4.66 3.37
CA LYS A 136 -21.27 -5.65 3.84
C LYS A 136 -21.88 -6.43 2.67
N GLU A 137 -22.34 -5.71 1.66
CA GLU A 137 -22.99 -6.34 0.51
C GLU A 137 -22.04 -7.23 -0.27
N LEU A 138 -20.82 -6.74 -0.50
CA LEU A 138 -19.80 -7.53 -1.21
C LEU A 138 -19.48 -8.81 -0.46
N ARG A 139 -19.33 -8.71 0.85
CA ARG A 139 -18.96 -9.85 1.67
C ARG A 139 -20.06 -10.90 1.67
N LEU A 140 -21.29 -10.47 1.93
CA LEU A 140 -22.42 -11.40 1.99
C LEU A 140 -22.66 -12.06 0.65
N ALA A 141 -22.49 -11.30 -0.42
CA ALA A 141 -22.65 -11.86 -1.76
C ALA A 141 -21.51 -12.81 -2.11
N PHE A 142 -20.31 -12.50 -1.64
CA PHE A 142 -19.16 -13.39 -1.87
C PHE A 142 -19.40 -14.73 -1.18
N GLU A 143 -19.93 -14.67 0.05
CA GLU A 143 -20.27 -15.86 0.81
C GLU A 143 -21.40 -16.62 0.11
N GLY A 144 -22.46 -15.88 -0.22
CA GLY A 144 -23.63 -16.43 -0.87
C GLY A 144 -23.31 -17.06 -2.21
N GLU A 145 -22.42 -16.43 -2.98
CA GLU A 145 -21.98 -16.99 -4.24
C GLU A 145 -21.16 -18.24 -4.01
N ALA A 146 -20.38 -18.27 -2.94
CA ALA A 146 -19.51 -19.41 -2.65
C ALA A 146 -20.31 -20.66 -2.31
N LYS A 147 -21.59 -20.49 -1.96
CA LYS A 147 -22.43 -21.62 -1.57
C LYS A 147 -23.42 -21.96 -2.70
N THR A 148 -23.90 -20.95 -3.41
CA THR A 148 -24.79 -21.19 -4.55
C THR A 148 -23.98 -21.67 -5.75
N SER A 149 -22.69 -21.35 -5.79
CA SER A 149 -21.81 -21.92 -6.80
C SER A 149 -21.10 -23.13 -6.21
N GLY A 150 -19.80 -23.27 -6.46
CA GLY A 150 -19.06 -24.42 -5.96
C GLY A 150 -17.68 -24.12 -5.40
N GLN A 151 -17.14 -22.96 -5.75
CA GLN A 151 -15.74 -22.66 -5.49
C GLN A 151 -15.57 -21.85 -4.19
N PRO A 152 -14.36 -21.88 -3.59
CA PRO A 152 -14.10 -21.01 -2.43
C PRO A 152 -14.40 -19.54 -2.68
N ARG A 153 -14.84 -18.88 -1.61
CA ARG A 153 -15.30 -17.50 -1.64
C ARG A 153 -14.27 -16.49 -2.14
N LEU A 154 -14.73 -15.52 -2.91
CA LEU A 154 -13.90 -14.38 -3.29
C LEU A 154 -13.44 -13.60 -2.07
N LEU A 155 -12.19 -13.13 -2.10
CA LEU A 155 -11.64 -12.36 -0.99
C LEU A 155 -12.03 -10.89 -1.06
N LEU A 156 -12.27 -10.28 0.11
CA LEU A 156 -12.55 -8.86 0.17
C LEU A 156 -11.53 -8.13 1.02
N THR A 157 -10.82 -7.19 0.40
CA THR A 157 -9.83 -6.37 1.09
C THR A 157 -10.08 -4.90 0.75
N ALA A 158 -9.45 -4.00 1.52
CA ALA A 158 -9.55 -2.58 1.28
C ALA A 158 -8.30 -1.85 1.77
N ALA A 159 -7.88 -0.83 1.04
CA ALA A 159 -6.76 0.02 1.47
C ALA A 159 -7.31 1.16 2.31
N VAL A 160 -6.67 1.41 3.44
CA VAL A 160 -7.17 2.39 4.40
C VAL A 160 -6.04 3.31 4.90
N PRO A 161 -6.39 4.55 5.24
CA PRO A 161 -5.37 5.55 5.61
C PRO A 161 -4.75 5.29 6.97
N ALA A 162 -3.57 5.89 7.19
CA ALA A 162 -2.86 5.76 8.45
C ALA A 162 -3.19 6.90 9.40
N SER A 163 -3.51 8.06 8.83
CA SER A 163 -3.86 9.26 9.60
C SER A 163 -5.00 9.00 10.57
N PHE A 164 -4.74 9.25 11.85
CA PHE A 164 -5.72 9.00 12.90
C PHE A 164 -6.99 9.85 12.71
N GLU A 165 -6.85 10.99 12.05
CA GLU A 165 -7.98 11.86 11.76
C GLU A 165 -8.85 11.33 10.61
N ALA A 166 -8.20 10.77 9.59
CA ALA A 166 -8.92 10.19 8.46
C ALA A 166 -9.66 8.93 8.90
N ILE A 167 -9.09 8.24 9.88
CA ILE A 167 -9.71 7.05 10.45
C ILE A 167 -11.06 7.40 11.07
N ALA A 168 -11.06 8.38 11.96
CA ALA A 168 -12.30 8.80 12.63
C ALA A 168 -13.30 9.34 11.62
N ALA A 169 -12.81 10.05 10.61
CA ALA A 169 -13.66 10.73 9.65
C ALA A 169 -14.45 9.79 8.74
N GLY A 170 -13.83 8.68 8.34
CA GLY A 170 -14.44 7.83 7.34
C GLY A 170 -14.62 6.35 7.63
N TYR A 171 -14.17 5.90 8.80
CA TYR A 171 -14.12 4.46 9.03
C TYR A 171 -14.76 4.02 10.33
N ASP A 172 -15.87 3.30 10.21
CA ASP A 172 -16.44 2.54 11.31
C ASP A 172 -15.66 1.24 11.40
N VAL A 173 -14.59 1.25 12.20
CA VAL A 173 -13.61 0.18 12.17
C VAL A 173 -14.16 -1.19 12.62
N PRO A 174 -14.96 -1.23 13.70
CA PRO A 174 -15.52 -2.55 14.02
C PRO A 174 -16.40 -3.16 12.92
N GLU A 175 -17.17 -2.33 12.22
CA GLU A 175 -18.06 -2.85 11.18
C GLU A 175 -17.30 -3.31 9.95
N ILE A 176 -16.35 -2.53 9.48
CA ILE A 176 -15.64 -2.91 8.28
C ILE A 176 -14.73 -4.11 8.56
N SER A 177 -14.37 -4.29 9.83
CA SER A 177 -13.51 -5.40 10.21
C SER A 177 -14.24 -6.74 10.18
N LYS A 178 -15.57 -6.70 10.27
CA LYS A 178 -16.40 -7.89 10.14
C LYS A 178 -16.35 -8.46 8.73
N TYR A 179 -16.34 -7.58 7.73
CA TYR A 179 -16.58 -8.02 6.35
C TYR A 179 -15.30 -8.14 5.53
N LEU A 180 -14.29 -7.33 5.87
CA LEU A 180 -12.99 -7.40 5.20
C LEU A 180 -12.21 -8.64 5.59
N ASP A 181 -11.49 -9.22 4.62
CA ASP A 181 -10.58 -10.30 4.92
C ASP A 181 -9.24 -9.72 5.36
N PHE A 182 -8.87 -8.58 4.76
CA PHE A 182 -7.62 -7.91 5.09
C PHE A 182 -7.80 -6.39 5.05
N ILE A 183 -7.24 -5.73 6.06
CA ILE A 183 -7.24 -4.28 6.16
C ILE A 183 -5.85 -3.75 5.86
N ASN A 184 -5.66 -3.19 4.66
CA ASN A 184 -4.35 -2.75 4.22
C ASN A 184 -4.07 -1.30 4.61
N VAL A 185 -3.37 -1.11 5.72
CA VAL A 185 -3.10 0.23 6.23
C VAL A 185 -1.97 0.91 5.45
N MET A 186 -2.26 2.08 4.91
CA MET A 186 -1.29 2.80 4.10
C MET A 186 -0.33 3.59 5.00
N THR A 187 0.58 2.87 5.63
CA THR A 187 1.50 3.49 6.59
C THR A 187 2.72 4.10 5.90
N TYR A 188 2.45 5.11 5.07
CA TYR A 188 3.47 5.85 4.36
C TYR A 188 2.83 7.16 3.89
N ASP A 189 3.58 7.96 3.12
CA ASP A 189 3.14 9.31 2.73
C ASP A 189 2.79 10.16 3.94
N PHE A 190 3.51 9.95 5.04
CA PHE A 190 3.36 10.80 6.22
C PHE A 190 3.91 12.19 5.97
N HIS A 191 4.89 12.28 5.07
CA HIS A 191 5.55 13.54 4.75
C HIS A 191 5.93 13.56 3.28
N GLY A 192 5.96 14.75 2.69
CA GLY A 192 6.27 14.86 1.28
C GLY A 192 6.33 16.27 0.73
N GLN A 193 6.32 16.38 -0.59
CA GLN A 193 6.54 17.63 -1.30
C GLN A 193 5.42 18.64 -1.15
N TRP A 194 4.36 18.25 -0.44
CA TRP A 194 3.29 19.19 -0.11
C TRP A 194 3.67 20.01 1.12
N GLU A 195 4.77 19.62 1.76
CA GLU A 195 5.27 20.33 2.93
C GLU A 195 6.53 21.12 2.58
N ARG A 196 6.80 22.18 3.34
CA ARG A 196 7.95 23.06 3.10
C ARG A 196 9.02 22.82 4.14
N GLN A 197 8.93 21.67 4.79
CA GLN A 197 9.96 21.19 5.69
C GLN A 197 10.27 19.76 5.33
N VAL A 198 11.55 19.40 5.42
CA VAL A 198 11.98 18.04 5.16
C VAL A 198 11.40 17.10 6.22
N GLY A 199 11.00 15.90 5.77
CA GLY A 199 10.40 14.92 6.66
C GLY A 199 10.37 13.55 5.98
N HIS A 200 10.28 12.48 6.76
CA HIS A 200 10.38 11.15 6.19
C HIS A 200 9.03 10.56 5.77
N ASN A 201 9.04 9.91 4.61
CA ASN A 201 7.87 9.24 4.02
C ASN A 201 7.19 8.28 4.98
N SER A 202 8.00 7.49 5.69
CA SER A 202 7.46 6.40 6.50
C SER A 202 8.30 6.09 7.73
N PRO A 203 8.36 7.03 8.70
CA PRO A 203 9.12 6.76 9.93
C PRO A 203 8.40 5.77 10.84
N LEU A 204 9.16 4.83 11.39
CA LEU A 204 8.58 3.85 12.29
C LEU A 204 8.20 4.49 13.62
N PHE A 205 9.16 5.17 14.24
CA PHE A 205 8.93 5.88 15.50
C PHE A 205 9.16 7.37 15.31
N PRO A 206 8.70 8.20 16.26
CA PRO A 206 8.92 9.64 16.09
C PRO A 206 10.22 10.12 16.75
N LEU A 207 10.62 11.35 16.44
CA LEU A 207 11.71 11.98 17.17
C LEU A 207 11.21 12.36 18.56
N GLU A 208 12.08 12.27 19.56
CA GLU A 208 11.71 12.62 20.93
C GLU A 208 11.33 14.10 21.04
N SER A 209 11.90 14.92 20.16
CA SER A 209 11.61 16.35 20.15
C SER A 209 10.33 16.70 19.40
N ALA A 210 9.69 15.69 18.79
CA ALA A 210 8.51 15.93 17.98
C ALA A 210 7.32 16.39 18.81
N THR A 211 6.49 17.25 18.22
CA THR A 211 5.26 17.68 18.86
C THR A 211 4.32 16.48 18.99
N SER A 212 3.31 16.60 19.83
CA SER A 212 2.42 15.49 20.09
C SER A 212 1.65 15.11 18.83
N TYR A 213 1.49 16.07 17.93
CA TYR A 213 0.83 15.83 16.65
C TYR A 213 1.76 15.12 15.67
N GLN A 214 3.01 15.56 15.62
CA GLN A 214 4.00 14.94 14.76
C GLN A 214 4.28 13.50 15.18
N LYS A 215 4.09 13.21 16.46
CA LYS A 215 4.35 11.86 16.96
C LYS A 215 3.29 10.87 16.48
N LYS A 216 2.17 11.38 15.98
CA LYS A 216 1.10 10.51 15.54
C LYS A 216 1.31 10.12 14.08
N LEU A 217 2.11 10.91 13.38
CA LEU A 217 2.42 10.61 11.99
C LEU A 217 3.57 9.60 11.90
N THR A 218 3.32 8.39 12.41
CA THR A 218 4.28 7.30 12.31
C THR A 218 3.59 5.96 12.05
N VAL A 219 4.35 4.99 11.55
CA VAL A 219 3.84 3.64 11.35
C VAL A 219 3.31 3.06 12.67
N ASP A 220 4.12 3.19 13.72
CA ASP A 220 3.79 2.62 15.03
C ASP A 220 2.49 3.19 15.62
N TYR A 221 2.35 4.51 15.59
CA TYR A 221 1.16 5.12 16.17
C TYR A 221 -0.09 4.84 15.34
N SER A 222 0.07 4.84 14.02
CA SER A 222 -1.04 4.62 13.11
C SER A 222 -1.61 3.21 13.21
N ALA A 223 -0.73 2.21 13.17
CA ALA A 223 -1.15 0.82 13.29
C ALA A 223 -1.83 0.57 14.63
N ARG A 224 -1.34 1.22 15.68
CA ARG A 224 -1.89 1.03 17.02
C ARG A 224 -3.22 1.79 17.18
N GLU A 225 -3.39 2.86 16.42
CA GLU A 225 -4.67 3.55 16.40
C GLU A 225 -5.77 2.65 15.81
N TRP A 226 -5.42 1.88 14.77
CA TRP A 226 -6.37 0.96 14.16
C TRP A 226 -6.75 -0.15 15.13
N VAL A 227 -5.76 -0.63 15.88
CA VAL A 227 -6.00 -1.62 16.92
C VAL A 227 -6.94 -1.04 17.98
N ARG A 228 -6.60 0.16 18.43
CA ARG A 228 -7.38 0.88 19.44
C ARG A 228 -8.84 1.02 19.04
N GLN A 229 -9.06 1.23 17.73
CA GLN A 229 -10.41 1.45 17.22
C GLN A 229 -11.12 0.13 16.91
N GLY A 230 -10.43 -0.99 17.12
CA GLY A 230 -11.09 -2.29 17.07
C GLY A 230 -10.69 -3.22 15.94
N ALA A 231 -9.76 -2.80 15.09
CA ALA A 231 -9.29 -3.67 14.02
C ALA A 231 -8.57 -4.88 14.62
N PRO A 232 -8.94 -6.09 14.16
CA PRO A 232 -8.30 -7.32 14.62
C PRO A 232 -6.90 -7.46 14.03
N LYS A 233 -5.93 -7.76 14.89
CA LYS A 233 -4.54 -7.74 14.50
C LYS A 233 -4.24 -8.66 13.33
N GLU A 234 -4.91 -9.81 13.29
CA GLU A 234 -4.61 -10.80 12.25
C GLU A 234 -5.08 -10.35 10.87
N LYS A 235 -5.98 -9.38 10.83
CA LYS A 235 -6.45 -8.82 9.56
C LYS A 235 -5.67 -7.57 9.16
N LEU A 236 -4.93 -7.00 10.11
CA LEU A 236 -4.20 -5.78 9.82
C LEU A 236 -2.92 -6.05 9.03
N MET A 237 -2.88 -5.55 7.81
CA MET A 237 -1.69 -5.68 6.96
C MET A 237 -0.97 -4.34 6.88
N ILE A 238 0.18 -4.23 7.55
CA ILE A 238 0.85 -2.93 7.64
C ILE A 238 1.61 -2.62 6.35
N GLY A 239 1.33 -1.44 5.79
CA GLY A 239 1.90 -1.04 4.52
C GLY A 239 3.37 -0.70 4.55
N MET A 240 4.10 -1.21 3.56
CA MET A 240 5.54 -0.99 3.45
C MET A 240 5.86 -0.40 2.09
N PRO A 241 6.44 0.81 2.07
CA PRO A 241 6.74 1.47 0.80
C PRO A 241 8.05 0.99 0.20
N THR A 242 8.09 0.81 -1.12
CA THR A 242 9.34 0.48 -1.80
C THR A 242 9.80 1.70 -2.57
N TYR A 243 9.44 2.86 -2.04
CA TYR A 243 9.75 4.13 -2.67
C TYR A 243 10.13 5.15 -1.61
N GLY A 244 10.65 6.29 -2.04
CA GLY A 244 10.96 7.36 -1.13
C GLY A 244 10.34 8.68 -1.58
N ARG A 245 10.36 9.68 -0.70
CA ARG A 245 9.90 11.01 -1.07
C ARG A 245 11.00 12.04 -0.86
N SER A 246 11.16 12.89 -1.85
CA SER A 246 12.32 13.75 -1.95
C SER A 246 11.97 15.23 -1.83
N PHE A 247 12.97 16.03 -1.47
CA PHE A 247 12.79 17.47 -1.27
C PHE A 247 13.90 18.26 -1.93
N THR A 248 13.59 19.47 -2.37
CA THR A 248 14.63 20.41 -2.74
C THR A 248 14.89 21.37 -1.57
N LEU A 249 16.11 21.33 -1.05
CA LEU A 249 16.47 22.13 0.12
C LEU A 249 16.59 23.61 -0.20
N ILE A 250 16.14 24.44 0.73
CA ILE A 250 16.35 25.88 0.62
C ILE A 250 17.83 26.20 0.78
N ASN A 251 18.49 25.48 1.69
CA ASN A 251 19.84 25.82 2.09
C ASN A 251 20.62 24.51 2.26
N ASP A 252 21.69 24.34 1.48
CA ASP A 252 22.44 23.08 1.41
C ASP A 252 23.02 22.64 2.75
N THR A 253 23.19 23.60 3.66
CA THR A 253 23.80 23.31 4.95
C THR A 253 22.79 22.79 5.95
N GLN A 254 21.51 23.01 5.67
CA GLN A 254 20.44 22.48 6.51
C GLN A 254 19.80 21.27 5.84
N PHE A 255 20.12 20.08 6.37
CA PHE A 255 19.71 18.84 5.75
C PHE A 255 19.07 17.89 6.74
N ASP A 256 18.88 18.37 7.98
CA ASP A 256 18.28 17.55 9.04
C ASP A 256 16.77 17.61 9.01
N ILE A 257 16.14 16.65 9.69
CA ILE A 257 14.69 16.61 9.78
C ILE A 257 14.14 17.96 10.19
N GLY A 258 13.29 18.53 9.33
CA GLY A 258 12.71 19.84 9.57
C GLY A 258 13.38 20.99 8.86
N ALA A 259 14.45 20.71 8.13
CA ALA A 259 15.10 21.75 7.32
C ALA A 259 14.12 22.28 6.27
N PRO A 260 14.17 23.59 6.00
CA PRO A 260 13.27 24.23 5.01
C PRO A 260 13.42 23.64 3.62
N ALA A 261 12.31 23.52 2.89
CA ALA A 261 12.34 22.98 1.52
C ALA A 261 11.38 23.75 0.62
N SER A 262 11.78 23.97 -0.62
CA SER A 262 10.97 24.77 -1.53
C SER A 262 9.94 23.91 -2.25
N GLY A 263 10.22 22.61 -2.34
CA GLY A 263 9.30 21.69 -2.97
C GLY A 263 9.91 20.31 -3.13
N GLY A 264 9.36 19.52 -4.04
CA GLY A 264 9.88 18.20 -4.31
C GLY A 264 11.28 18.26 -4.93
N GLY A 265 12.03 17.17 -4.81
CA GLY A 265 13.34 17.13 -5.43
C GLY A 265 13.26 16.56 -6.84
N GLN A 266 14.39 16.65 -7.55
CA GLN A 266 14.50 16.22 -8.94
C GLN A 266 13.91 14.83 -9.15
N ALA A 267 13.05 14.69 -10.16
CA ALA A 267 12.40 13.43 -10.47
C ALA A 267 13.41 12.33 -10.79
N GLY A 268 12.99 11.09 -10.63
CA GLY A 268 13.79 9.96 -11.07
C GLY A 268 13.62 9.79 -12.57
N ARG A 269 14.56 9.09 -13.20
CA ARG A 269 14.56 8.94 -14.66
C ARG A 269 13.47 7.98 -15.15
N PHE A 270 12.82 7.28 -14.24
CA PHE A 270 11.87 6.24 -14.62
C PHE A 270 10.44 6.52 -14.15
N THR A 271 10.30 7.17 -13.01
CA THR A 271 8.97 7.42 -12.46
C THR A 271 8.45 8.81 -12.85
N ASN A 272 9.36 9.68 -13.29
CA ASN A 272 9.00 11.01 -13.81
C ASN A 272 8.03 11.78 -12.91
N GLU A 273 8.39 11.90 -11.65
CA GLU A 273 7.60 12.67 -10.71
C GLU A 273 8.50 13.25 -9.64
N ALA A 274 8.60 14.57 -9.63
CA ALA A 274 9.40 15.27 -8.63
C ALA A 274 8.81 15.05 -7.24
N GLY A 275 9.68 14.87 -6.25
CA GLY A 275 9.25 14.61 -4.90
C GLY A 275 9.06 13.12 -4.64
N PHE A 276 9.37 12.30 -5.65
CA PHE A 276 9.09 10.87 -5.60
C PHE A 276 10.22 10.07 -6.26
N MET A 277 10.60 8.94 -5.65
CA MET A 277 11.61 8.04 -6.22
C MET A 277 11.31 6.57 -5.90
N SER A 278 11.43 5.71 -6.89
CA SER A 278 11.40 4.27 -6.65
C SER A 278 12.70 3.84 -6.01
N TYR A 279 12.73 2.65 -5.43
CA TYR A 279 13.93 2.21 -4.72
C TYR A 279 15.15 2.08 -5.64
N TYR A 280 14.96 1.60 -6.86
CA TYR A 280 16.10 1.48 -7.77
C TYR A 280 16.57 2.86 -8.24
N GLU A 281 15.68 3.86 -8.16
CA GLU A 281 16.09 5.23 -8.39
C GLU A 281 16.83 5.80 -7.18
N ILE A 282 16.42 5.36 -5.98
CA ILE A 282 17.13 5.73 -4.75
C ILE A 282 18.60 5.31 -4.82
N CYS A 283 18.83 4.07 -5.24
CA CYS A 283 20.19 3.53 -5.36
C CYS A 283 21.05 4.35 -6.32
N GLU A 284 20.46 4.79 -7.43
CA GLU A 284 21.20 5.64 -8.37
C GLU A 284 21.60 6.95 -7.71
N PHE A 285 20.66 7.53 -6.96
CA PHE A 285 20.95 8.74 -6.21
C PHE A 285 22.03 8.48 -5.15
N LEU A 286 22.05 7.26 -4.61
CA LEU A 286 22.97 6.90 -3.53
C LEU A 286 24.42 6.71 -4.01
N ARG A 287 24.59 6.25 -5.24
CA ARG A 287 25.95 6.02 -5.76
C ARG A 287 26.47 7.22 -6.55
N GLU A 288 25.77 8.34 -6.47
CA GLU A 288 26.29 9.58 -7.02
C GLU A 288 27.39 10.09 -6.11
N ASP A 289 28.13 11.08 -6.59
CA ASP A 289 29.28 11.59 -5.90
C ASP A 289 28.91 12.42 -4.72
N ASN A 290 29.55 12.18 -3.60
CA ASN A 290 29.35 12.97 -2.41
C ASN A 290 27.97 12.92 -1.77
N THR A 291 27.28 11.83 -1.94
CA THR A 291 25.96 11.67 -1.31
C THR A 291 26.10 11.11 0.10
N THR A 292 25.55 11.84 1.07
CA THR A 292 25.63 11.43 2.45
C THR A 292 24.43 10.57 2.86
N LEU A 293 24.70 9.33 3.25
CA LEU A 293 23.66 8.44 3.75
C LEU A 293 23.58 8.50 5.28
N VAL A 294 22.38 8.78 5.78
CA VAL A 294 22.17 8.92 7.21
C VAL A 294 21.17 7.89 7.71
N TRP A 295 21.44 7.31 8.89
CA TRP A 295 20.48 6.47 9.58
C TRP A 295 19.89 7.21 10.77
N ASP A 296 18.57 7.42 10.77
CA ASP A 296 17.89 8.07 11.89
C ASP A 296 17.63 7.06 12.99
N ASN A 297 18.36 7.17 14.09
CA ASN A 297 18.29 6.18 15.15
C ASN A 297 16.96 6.19 15.89
N GLU A 298 16.34 7.36 15.95
CA GLU A 298 15.03 7.50 16.58
C GLU A 298 13.91 7.03 15.66
N GLN A 299 13.89 7.50 14.43
CA GLN A 299 12.82 7.15 13.50
C GLN A 299 13.06 5.77 12.89
N MET A 300 14.31 5.32 12.97
CA MET A 300 14.71 3.99 12.48
C MET A 300 14.48 3.81 11.00
N VAL A 301 14.76 4.87 10.26
CA VAL A 301 14.67 4.86 8.80
C VAL A 301 15.87 5.62 8.25
N PRO A 302 16.28 5.31 7.01
CA PRO A 302 17.38 6.03 6.38
C PRO A 302 16.92 7.27 5.61
N PHE A 303 17.84 8.20 5.39
CA PHE A 303 17.67 9.21 4.36
C PHE A 303 19.04 9.64 3.83
N ALA A 304 19.03 10.41 2.74
CA ALA A 304 20.27 10.83 2.10
C ALA A 304 20.13 12.20 1.48
N TYR A 305 21.24 12.88 1.34
CA TYR A 305 21.27 14.19 0.73
C TYR A 305 22.54 14.44 -0.06
N ARG A 306 22.43 15.23 -1.10
CA ARG A 306 23.57 15.71 -1.85
C ARG A 306 23.29 17.04 -2.52
N GLU A 307 24.03 18.07 -2.16
CA GLU A 307 23.70 19.41 -2.55
C GLU A 307 22.27 19.57 -2.08
N ASP A 308 21.44 20.23 -2.86
CA ASP A 308 20.13 20.70 -2.43
C ASP A 308 19.07 19.65 -2.54
N GLN A 309 19.50 18.42 -2.71
CA GLN A 309 18.59 17.28 -2.89
C GLN A 309 18.57 16.39 -1.65
N TRP A 310 17.37 16.12 -1.14
CA TRP A 310 17.20 15.35 0.09
C TRP A 310 16.14 14.29 -0.15
N VAL A 311 16.42 13.03 0.17
CA VAL A 311 15.40 11.99 0.01
C VAL A 311 15.34 11.06 1.22
N GLY A 312 14.13 10.86 1.74
CA GLY A 312 13.89 9.91 2.80
C GLY A 312 13.25 8.67 2.21
N PHE A 313 13.73 7.49 2.61
CA PHE A 313 13.29 6.24 2.00
C PHE A 313 13.35 5.06 2.96
N ASP A 314 13.08 3.86 2.44
CA ASP A 314 13.21 2.62 3.21
C ASP A 314 14.22 1.69 2.54
N ASP A 315 15.09 1.08 3.33
CA ASP A 315 16.05 0.12 2.78
C ASP A 315 15.89 -1.24 3.45
N GLU A 316 16.85 -2.13 3.24
CA GLU A 316 16.82 -3.46 3.85
C GLU A 316 16.72 -3.36 5.37
N ARG A 317 17.49 -2.43 5.94
CA ARG A 317 17.59 -2.30 7.39
C ARG A 317 16.31 -1.77 8.02
N SER A 318 15.70 -0.75 7.42
CA SER A 318 14.50 -0.16 8.00
C SER A 318 13.32 -1.12 7.89
N LEU A 319 13.25 -1.84 6.77
CA LEU A 319 12.18 -2.80 6.57
C LEU A 319 12.34 -4.00 7.50
N LYS A 320 13.58 -4.39 7.77
CA LYS A 320 13.84 -5.46 8.73
C LYS A 320 13.50 -5.01 10.14
N THR A 321 13.82 -3.76 10.45
CA THR A 321 13.48 -3.18 11.73
C THR A 321 11.95 -3.19 11.87
N LYS A 322 11.28 -2.86 10.77
CA LYS A 322 9.83 -2.81 10.77
C LYS A 322 9.21 -4.19 10.93
N MET A 323 9.83 -5.21 10.33
CA MET A 323 9.32 -6.58 10.51
C MET A 323 9.46 -7.02 11.97
N ALA A 324 10.52 -6.57 12.63
CA ALA A 324 10.70 -6.89 14.05
C ALA A 324 9.62 -6.21 14.90
N TRP A 325 9.37 -4.93 14.62
CA TRP A 325 8.27 -4.21 15.28
C TRP A 325 6.93 -4.87 14.97
N LEU A 326 6.77 -5.32 13.73
CA LEU A 326 5.58 -6.04 13.28
C LEU A 326 5.32 -7.28 14.12
N LYS A 327 6.31 -8.16 14.19
CA LYS A 327 6.18 -9.40 14.93
C LYS A 327 5.94 -9.16 16.42
N GLU A 328 6.65 -8.18 16.98
CA GLU A 328 6.50 -7.81 18.37
C GLU A 328 5.06 -7.42 18.71
N GLU A 329 4.46 -6.59 17.86
CA GLU A 329 3.09 -6.13 18.07
C GLU A 329 2.07 -7.23 17.72
N GLY A 330 2.49 -8.15 16.86
CA GLY A 330 1.65 -9.28 16.51
C GLY A 330 0.63 -9.04 15.41
N PHE A 331 1.00 -8.25 14.40
CA PHE A 331 0.09 -7.98 13.28
C PHE A 331 0.04 -9.16 12.31
N GLY A 332 -1.01 -9.21 11.51
CA GLY A 332 -1.26 -10.35 10.64
C GLY A 332 -0.34 -10.47 9.44
N GLY A 333 0.31 -9.38 9.06
CA GLY A 333 1.22 -9.41 7.94
C GLY A 333 1.51 -8.03 7.36
N ILE A 334 1.97 -8.00 6.12
CA ILE A 334 2.33 -6.74 5.51
C ILE A 334 1.65 -6.53 4.17
N MET A 335 1.55 -5.26 3.79
CA MET A 335 1.12 -4.89 2.46
C MET A 335 2.27 -4.11 1.83
N VAL A 336 2.50 -4.31 0.54
CA VAL A 336 3.64 -3.66 -0.11
C VAL A 336 3.21 -2.76 -1.25
N TRP A 337 3.54 -1.48 -1.15
CA TRP A 337 3.35 -0.54 -2.25
C TRP A 337 4.70 -0.02 -2.74
N SER A 338 5.19 -0.54 -3.87
CA SER A 338 4.52 -1.60 -4.63
C SER A 338 5.58 -2.55 -5.18
N VAL A 339 5.15 -3.68 -5.75
CA VAL A 339 6.10 -4.68 -6.20
C VAL A 339 6.94 -4.16 -7.36
N ASP A 340 6.36 -3.28 -8.17
CA ASP A 340 7.04 -2.79 -9.36
C ASP A 340 8.07 -1.71 -9.06
N MET A 341 8.18 -1.30 -7.80
CA MET A 341 9.12 -0.24 -7.45
C MET A 341 10.21 -0.74 -6.53
N ASP A 342 10.18 -2.04 -6.22
CA ASP A 342 11.34 -2.65 -5.59
C ASP A 342 12.40 -2.76 -6.68
N ASP A 343 13.66 -2.96 -6.31
CA ASP A 343 14.69 -3.16 -7.32
C ASP A 343 14.51 -4.54 -7.94
N PHE A 344 13.54 -4.65 -8.85
CA PHE A 344 13.18 -5.94 -9.44
C PHE A 344 14.15 -6.42 -10.51
N ARG A 345 15.20 -5.65 -10.76
CA ARG A 345 16.21 -6.08 -11.73
C ARG A 345 17.55 -6.31 -11.05
N GLY A 346 17.64 -5.93 -9.77
CA GLY A 346 18.85 -6.15 -9.00
C GLY A 346 19.97 -5.18 -9.34
N SER A 347 19.61 -4.01 -9.86
CA SER A 347 20.60 -3.03 -10.27
C SER A 347 21.22 -2.23 -9.11
N CYS A 348 20.82 -2.51 -7.88
CA CYS A 348 21.33 -1.77 -6.72
C CYS A 348 22.67 -2.31 -6.22
N GLY A 349 23.03 -3.52 -6.65
CA GLY A 349 24.26 -4.14 -6.21
C GLY A 349 23.98 -5.22 -5.17
N THR A 350 22.75 -5.22 -4.66
CA THR A 350 22.28 -6.31 -3.83
C THR A 350 21.45 -7.27 -4.69
N GLY A 351 20.74 -8.18 -4.06
CA GLY A 351 19.99 -9.19 -4.79
C GLY A 351 18.78 -8.62 -5.51
N LYS A 352 18.17 -9.42 -6.38
CA LYS A 352 16.93 -9.00 -7.04
C LYS A 352 15.81 -8.96 -6.01
N TYR A 353 14.91 -7.99 -6.17
CA TYR A 353 13.88 -7.70 -5.17
C TYR A 353 14.45 -7.66 -3.76
N PRO A 354 15.38 -6.72 -3.50
CA PRO A 354 16.05 -6.70 -2.20
C PRO A 354 15.12 -6.34 -1.04
N LEU A 355 14.22 -5.38 -1.25
CA LEU A 355 13.38 -4.91 -0.16
C LEU A 355 12.37 -5.96 0.28
N ILE A 356 11.69 -6.59 -0.67
CA ILE A 356 10.68 -7.57 -0.32
C ILE A 356 11.34 -8.84 0.21
N THR A 357 12.50 -9.19 -0.35
CA THR A 357 13.26 -10.34 0.12
C THR A 357 13.63 -10.15 1.59
N ALA A 358 14.17 -8.97 1.91
CA ALA A 358 14.58 -8.65 3.28
C ALA A 358 13.42 -8.77 4.25
N MET A 359 12.23 -8.33 3.83
CA MET A 359 11.04 -8.44 4.66
C MET A 359 10.58 -9.88 4.77
N LYS A 360 10.63 -10.61 3.66
CA LYS A 360 10.15 -11.99 3.65
C LYS A 360 11.01 -12.87 4.55
N GLN A 361 12.32 -12.73 4.45
CA GLN A 361 13.23 -13.57 5.22
C GLN A 361 13.12 -13.25 6.71
N GLU A 362 12.79 -12.01 7.03
CA GLU A 362 12.67 -11.59 8.42
C GLU A 362 11.33 -12.03 9.03
N LEU A 363 10.36 -12.32 8.18
CA LEU A 363 9.07 -12.82 8.64
C LEU A 363 9.07 -14.35 8.69
N SER A 364 10.15 -14.95 8.22
CA SER A 364 10.26 -16.41 8.20
C SER A 364 10.19 -16.96 9.62
N GLY A 365 9.31 -17.95 9.82
CA GLY A 365 9.15 -18.58 11.12
C GLY A 365 8.12 -17.89 11.99
N TYR A 366 7.71 -16.70 11.59
CA TYR A 366 6.73 -15.93 12.34
C TYR A 366 5.33 -16.53 12.17
N LYS A 367 4.63 -16.68 13.27
CA LYS A 367 3.22 -17.09 13.23
C LYS A 367 2.42 -16.13 14.08
N VAL A 368 1.28 -15.66 13.58
CA VAL A 368 0.54 -14.65 14.33
C VAL A 368 -0.30 -15.33 15.41
N LYS A 369 -0.23 -14.80 16.61
CA LYS A 369 -0.94 -15.27 17.79
C LYS A 369 -1.57 -14.20 18.59
N LEU A 370 -2.85 -14.26 18.79
CA LEU A 370 -3.57 -13.22 19.52
C LEU A 370 -3.46 -13.39 21.03
N GLU A 371 -3.30 -12.26 21.73
CA GLU A 371 -3.09 -12.25 23.16
C GLU A 371 -3.47 -10.89 23.73
N TYR A 372 -3.81 -10.80 25.00
CA TYR A 372 -4.10 -9.51 25.60
C TYR A 372 -2.85 -8.69 25.72
N ASP A 373 -2.96 -7.42 25.41
CA ASP A 373 -1.83 -6.52 25.44
C ASP A 373 -2.13 -5.21 26.14
N GLY A 374 -3.01 -5.20 27.11
CA GLY A 374 -3.17 -4.03 27.95
C GLY A 374 -3.97 -2.89 27.37
N PRO A 375 -4.11 -1.81 28.10
CA PRO A 375 -4.80 -0.62 27.57
C PRO A 375 -3.91 0.26 26.69
C1 NAG B . 22.47 28.93 4.81
C2 NAG B . 22.37 30.40 4.44
C3 NAG B . 23.35 31.23 5.23
C4 NAG B . 23.11 31.05 6.72
C5 NAG B . 23.30 29.58 7.08
C6 NAG B . 23.01 29.26 8.53
C7 NAG B . 21.99 31.59 2.33
C8 NAG B . 22.39 31.74 0.88
N2 NAG B . 22.62 30.62 3.01
O3 NAG B . 23.12 32.59 4.88
O4 NAG B . 24.05 31.87 7.42
O5 NAG B . 22.38 28.78 6.31
O6 NAG B . 22.65 27.90 8.70
O7 NAG B . 21.16 32.30 2.86
#